data_3DWS
#
_entry.id   3DWS
#
_cell.length_a   53.075
_cell.length_b   53.625
_cell.length_c   65.599
_cell.angle_alpha   86.220
_cell.angle_beta   77.370
_cell.angle_gamma   61.080
#
_symmetry.space_group_name_H-M   'P 1'
#
loop_
_entity.id
_entity.type
_entity.pdbx_description
1 polymer 'Coproporphyrinogen III oxidase'
2 non-polymer 'ACETATE ION'
3 non-polymer '5-fluoroindole-2-carboxylic acid'
4 water water
#
_entity_poly.entity_id   1
_entity_poly.type   'polypeptide(L)'
_entity_poly.pdbx_seq_one_letter_code
;(MSE)AHHHHHH(MSE)SLAVEAVKDFLLKLQDDICEALEAEDGQATFVEDKWTREGGGGGRTRV(MSE)VDGAVIEKGG
VNFSHVYGKGLP(MSE)SSTERHPDIAGCNFEA(MSE)GVSLVIHPKNPHVPTSHANVRLFVAEREGKEPVWWFGGGFDL
TPYYAVEEDCRDFHQVAQDLCKPFGADVYARFKGWCDEYFFIPYRNEARGIGGLFFDDLNEWPFEKCFEFVQAVGKGY
(MSE)DAYIPIVNRRKNTPYTEQQVEFQEFRRGRYAEFNLVIDRGTKFGLQSGGRTESILISLPPRARWGYNWQPEPGTP
EARLTEYFLTKRQWV
;
_entity_poly.pdbx_strand_id   A,B
#
# COMPACT_ATOMS: atom_id res chain seq x y z
N HIS A 8 36.15 -1.43 -16.57
CA HIS A 8 35.35 -0.58 -17.52
C HIS A 8 34.49 -1.39 -18.51
N SER A 10 31.76 -0.39 -20.26
CA SER A 10 30.86 0.49 -21.00
C SER A 10 30.17 -0.16 -22.21
N LEU A 11 30.88 -1.01 -22.96
CA LEU A 11 30.31 -1.66 -24.15
C LEU A 11 29.40 -2.86 -23.81
N ALA A 12 29.70 -3.58 -22.74
CA ALA A 12 28.81 -4.64 -22.27
C ALA A 12 27.52 -3.99 -21.82
N VAL A 13 27.63 -2.86 -21.12
CA VAL A 13 26.45 -2.14 -20.64
C VAL A 13 25.62 -1.59 -21.79
N GLU A 14 26.27 -1.11 -22.86
CA GLU A 14 25.52 -0.60 -24.02
C GLU A 14 24.72 -1.73 -24.69
N ALA A 15 25.35 -2.90 -24.85
CA ALA A 15 24.70 -4.09 -25.37
C ALA A 15 23.44 -4.44 -24.59
N VAL A 16 23.53 -4.36 -23.27
CA VAL A 16 22.39 -4.57 -22.39
C VAL A 16 21.30 -3.51 -22.65
N LYS A 17 21.71 -2.24 -22.65
CA LYS A 17 20.79 -1.12 -22.96
C LYS A 17 20.07 -1.34 -24.25
N ASP A 18 20.80 -1.74 -25.28
CA ASP A 18 20.24 -1.90 -26.63
C ASP A 18 19.18 -3.00 -26.64
N PHE A 19 19.43 -4.03 -25.84
CA PHE A 19 18.52 -5.17 -25.70
C PHE A 19 17.22 -4.80 -24.98
N LEU A 20 17.36 -4.13 -23.84
CA LEU A 20 16.22 -3.66 -23.04
C LEU A 20 15.30 -2.78 -23.85
N LEU A 21 15.86 -1.87 -24.64
CA LEU A 21 15.05 -1.01 -25.47
C LEU A 21 14.31 -1.82 -26.52
N LYS A 22 14.98 -2.85 -27.04
CA LYS A 22 14.36 -3.70 -28.05
C LYS A 22 13.30 -4.62 -27.44
N LEU A 23 13.56 -5.13 -26.25
CA LEU A 23 12.63 -6.00 -25.55
C LEU A 23 11.34 -5.24 -25.32
N GLN A 24 11.47 -3.97 -24.96
CA GLN A 24 10.31 -3.15 -24.67
C GLN A 24 9.48 -3.00 -25.94
N ASP A 25 10.12 -2.68 -27.07
CA ASP A 25 9.42 -2.58 -28.35
C ASP A 25 8.74 -3.90 -28.64
N ASP A 26 9.48 -4.99 -28.45
CA ASP A 26 8.97 -6.31 -28.74
C ASP A 26 7.77 -6.71 -27.87
N ILE A 27 7.79 -6.41 -26.58
CA ILE A 27 6.64 -6.69 -25.74
C ILE A 27 5.41 -5.82 -26.09
N CYS A 28 5.66 -4.55 -26.37
CA CYS A 28 4.57 -3.62 -26.71
C CYS A 28 3.86 -4.02 -28.00
N GLU A 29 4.65 -4.22 -29.05
CA GLU A 29 4.14 -4.65 -30.34
C GLU A 29 3.27 -5.88 -30.17
N ALA A 30 3.79 -6.87 -29.44
CA ALA A 30 3.10 -8.16 -29.23
C ALA A 30 1.80 -7.97 -28.49
N LEU A 31 1.83 -7.10 -27.49
CA LEU A 31 0.64 -6.82 -26.69
C LEU A 31 -0.36 -5.98 -27.49
N GLU A 32 0.12 -5.06 -28.30
CA GLU A 32 -0.74 -4.28 -29.17
C GLU A 32 -1.46 -5.20 -30.13
N ALA A 33 -0.71 -6.14 -30.70
CA ALA A 33 -1.25 -7.10 -31.64
C ALA A 33 -2.39 -7.92 -31.03
N GLU A 34 -2.28 -8.21 -29.74
CA GLU A 34 -3.33 -8.95 -29.01
C GLU A 34 -4.58 -8.11 -28.73
N ASP A 35 -4.39 -6.82 -28.50
CA ASP A 35 -5.49 -5.92 -28.15
C ASP A 35 -6.29 -5.49 -29.38
N GLY A 36 -5.59 -5.02 -30.42
CA GLY A 36 -6.20 -4.58 -31.67
C GLY A 36 -7.10 -3.35 -31.63
N GLN A 37 -7.22 -2.70 -30.47
CA GLN A 37 -8.03 -1.47 -30.31
C GLN A 37 -7.15 -0.29 -29.86
N ALA A 38 -6.48 -0.45 -28.73
CA ALA A 38 -5.62 0.60 -28.18
C ALA A 38 -4.13 0.31 -28.45
N THR A 39 -3.30 1.36 -28.43
CA THR A 39 -1.85 1.23 -28.58
C THR A 39 -1.15 1.87 -27.39
N PHE A 40 0.10 1.51 -27.14
CA PHE A 40 0.87 2.12 -26.06
C PHE A 40 1.14 3.59 -26.37
N VAL A 41 0.90 4.47 -25.40
CA VAL A 41 1.32 5.87 -25.54
C VAL A 41 2.60 6.02 -24.73
N GLU A 42 3.59 6.69 -25.30
CA GLU A 42 4.90 6.76 -24.67
C GLU A 42 5.17 8.08 -23.98
N ASP A 43 5.81 7.99 -22.83
CA ASP A 43 6.14 9.15 -22.02
C ASP A 43 7.63 9.13 -21.70
N LYS A 44 8.42 9.88 -22.46
CA LYS A 44 9.87 9.90 -22.26
C LYS A 44 10.22 10.95 -21.22
N TRP A 45 11.05 10.56 -20.25
CA TRP A 45 11.36 11.45 -19.14
C TRP A 45 12.84 11.47 -18.77
N THR A 46 13.18 12.47 -17.97
CA THR A 46 14.57 12.74 -17.58
C THR A 46 14.57 13.19 -16.12
N ARG A 47 15.71 13.00 -15.44
CA ARG A 47 15.84 13.43 -14.04
C ARG A 47 17.09 14.27 -13.83
N GLU A 48 17.14 15.02 -12.73
CA GLU A 48 18.31 15.80 -12.36
C GLU A 48 19.53 14.89 -12.27
N GLY A 49 20.50 15.11 -13.17
CA GLY A 49 21.70 14.28 -13.27
C GLY A 49 21.51 12.79 -12.98
N GLY A 50 20.58 12.16 -13.70
CA GLY A 50 20.28 10.75 -13.46
C GLY A 50 19.60 10.01 -14.60
N GLY A 51 20.01 10.31 -15.84
CA GLY A 51 19.42 9.68 -17.03
C GLY A 51 17.91 9.84 -17.10
N GLY A 52 17.18 8.72 -17.16
CA GLY A 52 15.72 8.73 -17.16
C GLY A 52 15.08 7.43 -17.62
N GLY A 53 13.99 7.55 -18.36
CA GLY A 53 13.29 6.37 -18.85
C GLY A 53 12.25 6.68 -19.90
N ARG A 54 11.69 5.62 -20.48
CA ARG A 54 10.62 5.74 -21.45
C ARG A 54 9.48 4.85 -21.01
N THR A 55 8.44 5.47 -20.48
CA THR A 55 7.31 4.74 -19.95
C THR A 55 6.21 4.65 -21.01
N ARG A 56 5.92 3.43 -21.44
CA ARG A 56 4.83 3.21 -22.37
C ARG A 56 3.64 2.64 -21.62
N VAL A 57 2.49 3.30 -21.76
CA VAL A 57 1.28 2.87 -21.08
C VAL A 57 0.15 2.63 -22.04
N VAL A 59 -4.11 2.12 -21.77
CA VAL A 59 -5.30 2.16 -20.94
C VAL A 59 -6.56 1.97 -21.80
N ASP A 60 -7.57 1.28 -21.23
CA ASP A 60 -8.87 1.12 -21.88
C ASP A 60 -8.79 0.56 -23.30
N GLY A 61 -8.16 -0.60 -23.41
CA GLY A 61 -8.18 -1.38 -24.64
C GLY A 61 -9.31 -2.41 -24.67
N ALA A 62 -9.34 -3.16 -25.75
CA ALA A 62 -10.28 -4.26 -25.91
C ALA A 62 -9.91 -5.39 -24.96
N VAL A 63 -8.61 -5.57 -24.75
CA VAL A 63 -8.08 -6.66 -23.92
C VAL A 63 -7.30 -6.15 -22.69
N ILE A 64 -6.47 -5.13 -22.89
CA ILE A 64 -5.65 -4.57 -21.81
C ILE A 64 -6.28 -3.29 -21.27
N GLU A 65 -6.80 -3.37 -20.05
CA GLU A 65 -7.46 -2.23 -19.42
C GLU A 65 -6.44 -1.21 -18.87
N LYS A 66 -5.38 -1.72 -18.25
CA LYS A 66 -4.28 -0.91 -17.75
C LYS A 66 -3.02 -1.73 -17.97
N GLY A 67 -2.03 -1.14 -18.64
CA GLY A 67 -0.80 -1.86 -18.93
C GLY A 67 0.37 -0.90 -19.05
N GLY A 68 1.50 -1.25 -18.45
CA GLY A 68 2.69 -0.43 -18.53
C GLY A 68 3.92 -1.27 -18.80
N VAL A 69 4.70 -0.87 -19.81
CA VAL A 69 6.03 -1.46 -20.04
C VAL A 69 7.10 -0.37 -20.04
N ASN A 70 7.79 -0.25 -18.91
CA ASN A 70 8.76 0.82 -18.68
C ASN A 70 10.21 0.43 -18.97
N PHE A 71 10.96 1.40 -19.48
CA PHE A 71 12.41 1.32 -19.49
C PHE A 71 12.89 2.46 -18.62
N SER A 72 13.85 2.16 -17.77
CA SER A 72 14.47 3.16 -16.94
C SER A 72 15.93 2.89 -17.03
N HIS A 73 16.70 3.97 -16.92
CA HIS A 73 18.14 3.91 -16.83
C HIS A 73 18.49 5.00 -15.84
N VAL A 74 19.05 4.62 -14.71
CA VAL A 74 19.30 5.55 -13.63
C VAL A 74 20.82 5.68 -13.44
N TYR A 75 21.32 6.91 -13.50
CA TYR A 75 22.66 7.21 -13.04
C TYR A 75 22.56 7.82 -11.64
N GLY A 76 23.69 7.88 -10.95
CA GLY A 76 23.74 8.49 -9.63
C GLY A 76 25.14 8.46 -9.05
N LYS A 77 25.49 9.51 -8.30
CA LYS A 77 26.76 9.57 -7.60
C LYS A 77 26.54 9.16 -6.14
N GLY A 78 27.02 7.98 -5.78
CA GLY A 78 26.78 7.40 -4.46
C GLY A 78 25.42 6.74 -4.41
N LEU A 79 25.35 5.52 -3.87
CA LEU A 79 24.07 4.83 -3.78
C LEU A 79 23.15 5.62 -2.86
N PRO A 80 21.83 5.59 -3.13
CA PRO A 80 20.88 6.29 -2.25
C PRO A 80 20.86 5.72 -0.82
N SER A 82 18.67 4.30 1.26
CA SER A 82 18.05 3.01 1.55
C SER A 82 18.95 1.82 1.17
N SER A 83 19.72 1.99 0.09
CA SER A 83 20.60 0.93 -0.41
C SER A 83 21.86 0.72 0.43
N THR A 84 22.23 1.69 1.27
CA THR A 84 23.43 1.56 2.13
C THR A 84 23.20 0.60 3.31
N GLU A 85 21.94 0.27 3.58
CA GLU A 85 21.58 -0.76 4.57
C GLU A 85 21.79 -2.16 3.98
N ARG A 86 21.40 -2.34 2.71
CA ARG A 86 21.56 -3.62 2.01
C ARG A 86 22.91 -3.72 1.29
N HIS A 87 23.42 -2.60 0.77
CA HIS A 87 24.70 -2.53 0.07
C HIS A 87 25.59 -1.44 0.69
N PRO A 88 26.15 -1.71 1.89
CA PRO A 88 27.02 -0.75 2.57
C PRO A 88 28.41 -0.64 1.90
N ASP A 89 28.98 -1.77 1.51
CA ASP A 89 30.34 -1.83 0.94
C ASP A 89 30.59 -0.94 -0.31
N ILE A 90 29.53 -0.60 -1.05
CA ILE A 90 29.61 0.28 -2.23
C ILE A 90 28.57 1.41 -2.15
N ALA A 91 28.58 2.12 -1.01
CA ALA A 91 27.57 3.15 -0.72
C ALA A 91 27.87 4.51 -1.38
N GLY A 92 29.15 4.84 -1.51
CA GLY A 92 29.59 6.10 -2.13
C GLY A 92 29.96 5.99 -3.60
N CYS A 93 29.68 4.85 -4.23
CA CYS A 93 30.12 4.57 -5.60
C CYS A 93 29.24 5.25 -6.67
N ASN A 94 29.86 5.51 -7.83
CA ASN A 94 29.13 5.88 -9.05
C ASN A 94 28.40 4.64 -9.54
N PHE A 95 27.10 4.75 -9.81
CA PHE A 95 26.31 3.59 -10.18
C PHE A 95 25.43 3.81 -11.43
N GLU A 96 25.22 2.71 -12.16
CA GLU A 96 24.27 2.66 -13.27
C GLU A 96 23.30 1.53 -13.03
N ALA A 97 22.01 1.80 -13.19
CA ALA A 97 20.96 0.82 -13.03
C ALA A 97 20.05 0.96 -14.23
N GLY A 99 16.81 -1.18 -16.65
CA GLY A 99 15.89 -2.30 -16.70
C GLY A 99 14.58 -2.05 -17.43
N VAL A 100 13.85 -3.13 -17.68
CA VAL A 100 12.48 -3.06 -18.14
C VAL A 100 11.58 -3.63 -17.01
N SER A 101 10.46 -2.96 -16.75
CA SER A 101 9.50 -3.44 -15.78
C SER A 101 8.13 -3.38 -16.41
N LEU A 102 7.33 -4.44 -16.24
CA LEU A 102 5.97 -4.38 -16.75
C LEU A 102 4.95 -5.07 -15.85
N VAL A 103 3.74 -4.53 -15.86
CA VAL A 103 2.61 -5.14 -15.16
C VAL A 103 1.42 -4.98 -16.11
N ILE A 104 0.72 -6.06 -16.44
CA ILE A 104 -0.39 -6.01 -17.39
C ILE A 104 -1.69 -6.43 -16.70
N HIS A 105 -2.65 -5.51 -16.65
CA HIS A 105 -3.91 -5.75 -15.99
C HIS A 105 -4.99 -5.84 -17.04
N PRO A 106 -5.36 -7.07 -17.44
CA PRO A 106 -6.39 -7.22 -18.47
C PRO A 106 -7.79 -6.78 -18.02
N LYS A 107 -8.63 -6.43 -18.99
CA LYS A 107 -10.02 -6.05 -18.75
C LYS A 107 -10.79 -7.29 -18.27
N ASN A 108 -10.59 -8.40 -18.98
CA ASN A 108 -11.27 -9.66 -18.70
C ASN A 108 -10.66 -10.35 -17.48
N PRO A 109 -11.47 -10.67 -16.46
CA PRO A 109 -10.93 -11.38 -15.29
C PRO A 109 -10.26 -12.70 -15.66
N HIS A 110 -10.68 -13.31 -16.78
CA HIS A 110 -10.16 -14.59 -17.21
C HIS A 110 -8.78 -14.52 -17.83
N VAL A 111 -8.31 -13.32 -18.13
CA VAL A 111 -6.90 -13.13 -18.47
C VAL A 111 -6.18 -12.75 -17.16
N PRO A 112 -5.12 -13.50 -16.78
CA PRO A 112 -4.42 -13.14 -15.56
C PRO A 112 -3.73 -11.81 -15.66
N THR A 113 -3.56 -11.15 -14.52
CA THR A 113 -2.57 -10.09 -14.42
C THR A 113 -1.20 -10.77 -14.55
N SER A 114 -0.24 -10.08 -15.15
CA SER A 114 1.15 -10.58 -15.22
C SER A 114 2.17 -9.47 -14.98
N HIS A 115 3.36 -9.87 -14.56
CA HIS A 115 4.46 -8.95 -14.30
C HIS A 115 5.77 -9.52 -14.83
N ALA A 116 6.64 -8.65 -15.33
CA ALA A 116 8.00 -9.06 -15.63
C ALA A 116 8.99 -7.93 -15.42
N ASN A 117 10.25 -8.35 -15.26
CA ASN A 117 11.35 -7.45 -14.99
C ASN A 117 12.66 -8.04 -15.51
N VAL A 118 13.45 -7.24 -16.21
CA VAL A 118 14.86 -7.55 -16.41
C VAL A 118 15.67 -6.30 -16.11
N ARG A 119 16.74 -6.45 -15.35
CA ARG A 119 17.52 -5.30 -14.89
C ARG A 119 18.99 -5.61 -14.65
N LEU A 120 19.79 -4.56 -14.56
CA LEU A 120 21.22 -4.67 -14.41
C LEU A 120 21.70 -3.53 -13.57
N PHE A 121 22.47 -3.86 -12.55
CA PHE A 121 23.08 -2.89 -11.69
C PHE A 121 24.58 -3.01 -11.85
N VAL A 122 25.25 -1.87 -12.04
CA VAL A 122 26.67 -1.82 -12.24
C VAL A 122 27.20 -0.72 -11.33
N ALA A 123 28.11 -1.06 -10.41
CA ALA A 123 28.73 -0.08 -9.52
C ALA A 123 30.24 0.06 -9.80
N GLU A 124 30.65 1.27 -10.16
CA GLU A 124 32.02 1.59 -10.54
C GLU A 124 32.88 1.82 -9.28
N ARG A 125 33.94 1.04 -9.12
CA ARG A 125 34.75 1.08 -7.88
C ARG A 125 36.09 1.80 -8.05
N GLU A 126 36.52 2.48 -6.98
CA GLU A 126 37.84 3.11 -6.94
C GLU A 126 38.91 2.02 -6.79
N GLY A 127 39.62 1.72 -7.89
CA GLY A 127 40.72 0.75 -7.91
C GLY A 127 40.32 -0.68 -8.29
N LYS A 128 39.19 -1.14 -7.75
CA LYS A 128 38.68 -2.49 -8.01
C LYS A 128 37.91 -2.52 -9.33
N GLU A 129 37.87 -3.71 -9.93
CA GLU A 129 37.01 -3.95 -11.10
C GLU A 129 35.57 -3.73 -10.65
N PRO A 130 34.67 -3.37 -11.59
CA PRO A 130 33.35 -2.94 -11.17
C PRO A 130 32.53 -4.08 -10.60
N VAL A 131 31.69 -3.77 -9.63
CA VAL A 131 30.74 -4.75 -9.09
C VAL A 131 29.43 -4.63 -9.86
N TRP A 132 28.77 -5.76 -10.11
CA TRP A 132 27.58 -5.76 -10.93
C TRP A 132 26.74 -7.00 -10.67
N TRP A 133 25.44 -6.88 -10.94
CA TRP A 133 24.54 -8.04 -10.96
C TRP A 133 23.28 -7.78 -11.77
N PHE A 134 22.71 -8.84 -12.32
CA PHE A 134 21.42 -8.76 -12.99
C PHE A 134 20.35 -9.13 -12.00
N GLY A 135 19.11 -8.98 -12.44
CA GLY A 135 17.96 -9.35 -11.65
C GLY A 135 16.73 -9.33 -12.52
N GLY A 136 15.68 -10.00 -12.04
CA GLY A 136 14.40 -9.96 -12.73
C GLY A 136 13.57 -11.21 -12.56
N GLY A 137 12.78 -11.50 -13.59
CA GLY A 137 11.85 -12.61 -13.56
C GLY A 137 10.53 -12.27 -14.24
N PHE A 138 9.62 -13.24 -14.20
CA PHE A 138 8.23 -13.00 -14.52
C PHE A 138 7.35 -13.93 -13.71
N ASP A 139 6.07 -13.57 -13.61
CA ASP A 139 5.13 -14.28 -12.74
C ASP A 139 3.71 -14.07 -13.24
N LEU A 140 2.78 -14.90 -12.77
CA LEU A 140 1.42 -14.89 -13.28
C LEU A 140 0.45 -14.77 -12.13
N THR A 141 -0.47 -13.82 -12.26
CA THR A 141 -1.45 -13.54 -11.21
C THR A 141 -2.85 -13.73 -11.81
N PRO A 142 -3.32 -14.97 -11.86
CA PRO A 142 -4.64 -15.29 -12.33
C PRO A 142 -5.72 -14.84 -11.36
N TYR A 143 -6.93 -14.68 -11.88
CA TYR A 143 -8.09 -14.44 -11.03
C TYR A 143 -8.96 -15.70 -11.09
N TYR A 144 -9.40 -16.04 -12.29
CA TYR A 144 -10.01 -17.33 -12.54
C TYR A 144 -8.95 -18.10 -13.32
N ALA A 145 -8.18 -18.88 -12.58
CA ALA A 145 -7.04 -19.64 -13.09
C ALA A 145 -7.48 -20.76 -14.04
N VAL A 146 -6.53 -21.31 -14.79
CA VAL A 146 -6.76 -22.51 -15.58
C VAL A 146 -5.52 -23.40 -15.49
N GLU A 147 -5.70 -24.61 -14.97
CA GLU A 147 -4.59 -25.57 -14.77
C GLU A 147 -3.60 -25.58 -15.93
N GLU A 148 -4.13 -25.77 -17.14
CA GLU A 148 -3.32 -25.96 -18.34
C GLU A 148 -2.43 -24.73 -18.61
N ASP A 149 -2.95 -23.54 -18.25
CA ASP A 149 -2.24 -22.28 -18.42
C ASP A 149 -1.04 -22.15 -17.46
N CYS A 150 -1.29 -22.43 -16.19
CA CYS A 150 -0.25 -22.45 -15.14
C CYS A 150 0.90 -23.39 -15.52
N ARG A 151 0.55 -24.61 -15.90
CA ARG A 151 1.52 -25.61 -16.34
C ARG A 151 2.35 -25.08 -17.51
N ASP A 152 1.69 -24.55 -18.53
CA ASP A 152 2.38 -24.01 -19.71
C ASP A 152 3.30 -22.85 -19.35
N PHE A 153 2.82 -22.00 -18.45
CA PHE A 153 3.57 -20.84 -17.97
C PHE A 153 4.88 -21.32 -17.37
N HIS A 154 4.78 -22.24 -16.44
CA HIS A 154 5.96 -22.75 -15.76
C HIS A 154 6.87 -23.56 -16.68
N GLN A 155 6.27 -24.30 -17.60
CA GLN A 155 7.03 -25.10 -18.54
C GLN A 155 7.93 -24.21 -19.38
N VAL A 156 7.41 -23.03 -19.75
CA VAL A 156 8.21 -22.09 -20.52
C VAL A 156 9.41 -21.65 -19.70
N ALA A 157 9.18 -21.36 -18.42
CA ALA A 157 10.24 -20.95 -17.51
C ALA A 157 11.32 -22.02 -17.37
N GLN A 158 10.90 -23.26 -17.11
CA GLN A 158 11.85 -24.37 -16.96
C GLN A 158 12.65 -24.61 -18.24
N ASP A 159 11.98 -24.55 -19.40
CA ASP A 159 12.60 -24.79 -20.70
C ASP A 159 13.67 -23.73 -20.98
N LEU A 160 13.33 -22.46 -20.74
CA LEU A 160 14.30 -21.38 -20.97
C LEU A 160 15.51 -21.45 -20.02
N CYS A 161 15.32 -22.08 -18.85
CA CYS A 161 16.37 -22.23 -17.83
C CYS A 161 17.31 -23.39 -18.15
N LYS A 162 16.78 -24.43 -18.79
CA LYS A 162 17.53 -25.64 -19.11
C LYS A 162 18.98 -25.44 -19.60
N PRO A 163 19.20 -24.54 -20.59
CA PRO A 163 20.56 -24.34 -21.12
C PRO A 163 21.59 -23.75 -20.14
N PHE A 164 21.15 -23.21 -19.01
CA PHE A 164 22.03 -22.47 -18.10
C PHE A 164 22.50 -23.28 -16.87
N GLY A 165 21.88 -24.45 -16.67
CA GLY A 165 22.21 -25.31 -15.55
C GLY A 165 20.97 -26.10 -15.19
N ALA A 166 21.19 -27.27 -14.59
CA ALA A 166 20.10 -28.19 -14.21
C ALA A 166 19.25 -27.69 -13.05
N ASP A 167 19.85 -26.91 -12.16
CA ASP A 167 19.17 -26.42 -10.95
C ASP A 167 18.59 -25.00 -11.08
N VAL A 168 18.82 -24.35 -12.22
CA VAL A 168 18.44 -22.95 -12.43
C VAL A 168 16.95 -22.69 -12.25
N TYR A 169 16.10 -23.51 -12.87
CA TYR A 169 14.65 -23.34 -12.75
C TYR A 169 14.20 -23.52 -11.31
N ALA A 170 14.54 -24.66 -10.74
CA ALA A 170 14.19 -24.97 -9.34
C ALA A 170 14.48 -23.79 -8.43
N ARG A 171 15.73 -23.32 -8.45
CA ARG A 171 16.19 -22.24 -7.58
C ARG A 171 15.34 -20.98 -7.75
N PHE A 172 15.20 -20.55 -9.00
CA PHE A 172 14.53 -19.27 -9.29
C PHE A 172 13.01 -19.39 -9.26
N LYS A 173 12.48 -20.59 -9.52
CA LYS A 173 11.05 -20.84 -9.33
C LYS A 173 10.69 -20.77 -7.84
N GLY A 174 11.48 -21.45 -7.02
CA GLY A 174 11.32 -21.41 -5.58
C GLY A 174 11.45 -19.99 -5.05
N TRP A 175 12.36 -19.22 -5.65
CA TRP A 175 12.64 -17.87 -5.15
C TRP A 175 11.43 -17.02 -5.44
N CYS A 176 10.87 -17.24 -6.63
CA CYS A 176 9.64 -16.56 -6.99
C CYS A 176 8.55 -16.87 -5.97
N ASP A 177 8.40 -18.13 -5.53
CA ASP A 177 7.36 -18.48 -4.52
C ASP A 177 7.59 -17.79 -3.17
N GLU A 178 8.84 -17.71 -2.73
CA GLU A 178 9.18 -17.07 -1.46
C GLU A 178 8.97 -15.56 -1.53
N TYR A 179 9.38 -14.95 -2.65
CA TYR A 179 9.31 -13.48 -2.79
C TYR A 179 7.87 -12.98 -2.89
N PHE A 180 7.13 -13.50 -3.86
CA PHE A 180 5.75 -13.04 -4.10
C PHE A 180 4.73 -13.72 -3.19
N PHE A 181 4.78 -13.31 -1.92
CA PHE A 181 4.02 -13.90 -0.81
C PHE A 181 3.60 -12.77 0.13
N ILE A 182 2.36 -12.81 0.60
CA ILE A 182 1.89 -11.84 1.57
C ILE A 182 1.87 -12.53 2.94
N PRO A 183 2.92 -12.32 3.75
CA PRO A 183 3.04 -13.06 5.04
C PRO A 183 1.96 -12.75 6.08
N TYR A 184 1.51 -11.50 6.16
CA TYR A 184 0.43 -11.17 7.10
C TYR A 184 -0.92 -11.78 6.70
N ARG A 185 -1.07 -12.14 5.43
CA ARG A 185 -2.24 -12.85 4.95
C ARG A 185 -1.98 -14.32 4.65
N ASN A 186 -0.76 -14.79 4.90
CA ASN A 186 -0.36 -16.15 4.56
C ASN A 186 -0.87 -16.56 3.18
N GLU A 187 -0.52 -15.78 2.17
CA GLU A 187 -1.10 -15.96 0.84
C GLU A 187 -0.12 -15.55 -0.24
N ALA A 188 0.01 -16.37 -1.27
CA ALA A 188 0.83 -16.03 -2.42
C ALA A 188 0.11 -14.95 -3.23
N ARG A 189 0.87 -14.17 -3.98
CA ARG A 189 0.28 -13.14 -4.85
C ARG A 189 -0.26 -13.78 -6.16
N GLY A 190 0.51 -14.69 -6.74
CA GLY A 190 0.08 -15.38 -7.96
C GLY A 190 0.53 -16.82 -7.97
N ILE A 191 0.63 -17.41 -9.15
CA ILE A 191 1.03 -18.80 -9.27
C ILE A 191 2.53 -18.97 -9.59
N GLY A 192 3.28 -17.87 -9.48
CA GLY A 192 4.72 -17.92 -9.55
C GLY A 192 5.26 -17.82 -10.97
N GLY A 193 6.51 -18.25 -11.13
CA GLY A 193 7.23 -18.07 -12.36
C GLY A 193 8.71 -18.12 -12.06
N LEU A 194 9.43 -17.08 -12.45
CA LEU A 194 10.86 -16.98 -12.13
C LEU A 194 11.10 -15.69 -11.34
N PHE A 195 12.07 -15.76 -10.44
CA PHE A 195 12.56 -14.60 -9.75
C PHE A 195 14.02 -14.80 -9.38
N PHE A 196 14.83 -13.77 -9.62
CA PHE A 196 16.23 -13.78 -9.24
C PHE A 196 16.80 -12.39 -9.02
N ASP A 197 17.88 -12.34 -8.26
CA ASP A 197 18.57 -11.10 -7.96
C ASP A 197 20.01 -11.43 -7.59
N ASP A 198 20.86 -10.39 -7.64
CA ASP A 198 22.30 -10.53 -7.41
C ASP A 198 22.88 -11.63 -8.29
N LEU A 199 22.36 -11.75 -9.51
CA LEU A 199 22.85 -12.75 -10.44
C LEU A 199 24.18 -12.26 -10.99
N ASN A 200 25.26 -12.91 -10.55
CA ASN A 200 26.59 -12.70 -11.12
C ASN A 200 27.57 -13.87 -10.88
N GLU A 201 27.07 -15.03 -10.48
CA GLU A 201 27.92 -16.21 -10.27
C GLU A 201 28.52 -16.71 -11.60
N TRP A 202 27.79 -16.51 -12.69
CA TRP A 202 28.26 -16.88 -14.03
C TRP A 202 29.01 -15.70 -14.65
N PRO A 203 29.82 -15.95 -15.70
CA PRO A 203 30.44 -14.84 -16.43
C PRO A 203 29.38 -13.91 -16.93
N PHE A 204 29.75 -12.65 -17.20
CA PHE A 204 28.77 -11.63 -17.55
C PHE A 204 27.92 -12.02 -18.76
N GLU A 205 28.56 -12.59 -19.79
CA GLU A 205 27.84 -12.96 -21.02
C GLU A 205 26.77 -14.04 -20.78
N LYS A 206 27.09 -15.07 -20.01
CA LYS A 206 26.08 -16.10 -19.66
C LYS A 206 24.86 -15.53 -18.89
N CYS A 207 25.11 -14.60 -17.96
CA CYS A 207 24.01 -13.97 -17.23
C CYS A 207 23.11 -13.18 -18.18
N PHE A 208 23.73 -12.44 -19.10
CA PHE A 208 23.03 -11.57 -20.06
C PHE A 208 22.16 -12.42 -20.97
N GLU A 209 22.76 -13.45 -21.56
CA GLU A 209 21.99 -14.44 -22.32
C GLU A 209 20.81 -14.97 -21.50
N PHE A 210 21.02 -15.19 -20.20
CA PHE A 210 19.94 -15.65 -19.34
C PHE A 210 18.80 -14.65 -19.27
N VAL A 211 19.11 -13.36 -19.14
CA VAL A 211 18.07 -12.35 -19.02
C VAL A 211 17.39 -12.14 -20.38
N GLN A 212 18.10 -12.37 -21.46
CA GLN A 212 17.47 -12.34 -22.79
C GLN A 212 16.41 -13.43 -22.88
N ALA A 213 16.79 -14.65 -22.44
CA ALA A 213 15.89 -15.79 -22.38
C ALA A 213 14.70 -15.55 -21.45
N VAL A 214 14.92 -14.82 -20.36
CA VAL A 214 13.83 -14.46 -19.48
C VAL A 214 12.92 -13.43 -20.17
N GLY A 215 13.49 -12.50 -20.94
CA GLY A 215 12.70 -11.48 -21.63
C GLY A 215 11.84 -12.10 -22.71
N LYS A 216 12.45 -12.88 -23.59
CA LYS A 216 11.73 -13.66 -24.61
C LYS A 216 10.75 -14.66 -23.97
N GLY A 217 11.18 -15.22 -22.84
CA GLY A 217 10.40 -16.20 -22.10
C GLY A 217 9.07 -15.67 -21.64
N TYR A 218 9.05 -14.41 -21.21
CA TYR A 218 7.80 -13.75 -20.81
C TYR A 218 6.75 -13.76 -21.93
N ASP A 220 6.62 -15.59 -24.63
CA ASP A 220 6.26 -16.98 -24.95
C ASP A 220 5.36 -17.59 -23.88
N ALA A 221 5.55 -17.19 -22.62
CA ALA A 221 4.73 -17.69 -21.52
C ALA A 221 3.36 -17.02 -21.51
N TYR A 222 3.34 -15.70 -21.56
CA TYR A 222 2.11 -14.94 -21.32
C TYR A 222 1.22 -14.74 -22.55
N ILE A 223 1.80 -14.32 -23.68
CA ILE A 223 0.97 -13.95 -24.83
C ILE A 223 -0.06 -15.02 -25.20
N PRO A 224 0.35 -16.30 -25.32
CA PRO A 224 -0.61 -17.35 -25.62
C PRO A 224 -1.76 -17.43 -24.61
N ILE A 225 -1.49 -17.26 -23.33
CA ILE A 225 -2.55 -17.29 -22.31
C ILE A 225 -3.54 -16.14 -22.56
N VAL A 226 -3.02 -14.98 -22.98
CA VAL A 226 -3.89 -13.83 -23.33
C VAL A 226 -4.72 -14.11 -24.58
N ASN A 227 -4.15 -14.81 -25.55
CA ASN A 227 -4.88 -15.08 -26.80
C ASN A 227 -6.04 -16.03 -26.57
N ARG A 228 -5.76 -16.99 -25.71
CA ARG A 228 -6.62 -18.13 -25.39
C ARG A 228 -7.84 -17.76 -24.55
N ARG A 229 -7.67 -16.83 -23.61
CA ARG A 229 -8.71 -16.50 -22.61
C ARG A 229 -9.32 -15.10 -22.77
N LYS A 230 -8.74 -14.24 -23.62
CA LYS A 230 -9.22 -12.87 -23.69
C LYS A 230 -10.69 -12.77 -24.03
N ASN A 231 -11.16 -13.64 -24.92
CA ASN A 231 -12.57 -13.63 -25.33
C ASN A 231 -13.48 -14.54 -24.49
N THR A 232 -12.99 -14.99 -23.33
CA THR A 232 -13.83 -15.73 -22.38
C THR A 232 -14.89 -14.79 -21.83
N PRO A 233 -16.17 -15.22 -21.85
CA PRO A 233 -17.25 -14.35 -21.42
C PRO A 233 -17.22 -14.17 -19.93
N TYR A 234 -17.47 -12.95 -19.46
CA TYR A 234 -17.39 -12.66 -18.04
C TYR A 234 -18.58 -11.84 -17.58
N THR A 235 -19.01 -12.07 -16.34
CA THR A 235 -20.11 -11.33 -15.74
C THR A 235 -19.55 -10.16 -14.95
N GLU A 236 -20.40 -9.21 -14.63
CA GLU A 236 -20.01 -8.11 -13.77
C GLU A 236 -19.69 -8.60 -12.33
N GLN A 237 -20.18 -9.79 -11.96
CA GLN A 237 -19.91 -10.37 -10.64
C GLN A 237 -18.47 -10.82 -10.60
N GLN A 238 -17.99 -11.30 -11.75
CA GLN A 238 -16.61 -11.74 -11.86
C GLN A 238 -15.66 -10.58 -11.90
N VAL A 239 -16.13 -9.43 -12.40
CA VAL A 239 -15.34 -8.20 -12.33
C VAL A 239 -15.18 -7.70 -10.90
N GLU A 240 -16.21 -7.91 -10.07
CA GLU A 240 -16.16 -7.51 -8.67
C GLU A 240 -15.09 -8.34 -7.96
N PHE A 241 -15.09 -9.65 -8.21
CA PHE A 241 -14.13 -10.55 -7.60
C PHE A 241 -12.74 -10.10 -7.97
N GLN A 242 -12.55 -9.89 -9.26
CA GLN A 242 -11.31 -9.39 -9.82
C GLN A 242 -10.89 -8.09 -9.14
N GLU A 243 -11.82 -7.20 -8.84
CA GLU A 243 -11.45 -5.95 -8.19
C GLU A 243 -11.02 -6.16 -6.73
N PHE A 244 -11.61 -7.13 -6.05
CA PHE A 244 -11.22 -7.43 -4.67
C PHE A 244 -9.83 -8.09 -4.66
N ARG A 245 -9.59 -8.98 -5.63
CA ARG A 245 -8.28 -9.61 -5.80
C ARG A 245 -7.19 -8.58 -6.08
N ARG A 246 -7.55 -7.49 -6.75
CA ARG A 246 -6.60 -6.45 -7.08
C ARG A 246 -6.27 -5.63 -5.84
N GLY A 247 -7.14 -5.65 -4.86
CA GLY A 247 -6.80 -5.13 -3.53
C GLY A 247 -5.56 -5.82 -2.98
N ARG A 248 -5.55 -7.15 -3.00
CA ARG A 248 -4.38 -7.95 -2.59
C ARG A 248 -3.14 -7.61 -3.37
N TYR A 249 -3.29 -7.29 -4.65
CA TYR A 249 -2.14 -6.92 -5.51
C TYR A 249 -1.56 -5.56 -5.08
N ALA A 250 -2.45 -4.62 -4.76
CA ALA A 250 -2.04 -3.30 -4.34
C ALA A 250 -1.28 -3.40 -3.05
N GLU A 251 -1.77 -4.26 -2.15
CA GLU A 251 -1.10 -4.49 -0.89
C GLU A 251 0.33 -4.96 -1.12
N PHE A 252 0.52 -6.01 -1.91
CA PHE A 252 1.86 -6.53 -2.12
C PHE A 252 2.78 -5.44 -2.60
N ASN A 253 2.35 -4.76 -3.65
CA ASN A 253 3.20 -3.76 -4.26
C ASN A 253 3.49 -2.61 -3.31
N LEU A 254 2.53 -2.22 -2.48
CA LEU A 254 2.71 -1.02 -1.64
C LEU A 254 3.36 -1.33 -0.30
N VAL A 255 3.03 -2.49 0.27
CA VAL A 255 3.56 -2.91 1.57
C VAL A 255 4.89 -3.68 1.48
N ILE A 256 4.98 -4.62 0.54
CA ILE A 256 6.09 -5.60 0.54
C ILE A 256 7.16 -5.46 -0.56
N ASP A 257 6.76 -5.16 -1.79
CA ASP A 257 7.69 -5.16 -2.93
C ASP A 257 8.88 -4.25 -2.68
N ARG A 258 10.09 -4.81 -2.79
CA ARG A 258 11.34 -4.09 -2.49
C ARG A 258 11.70 -3.00 -3.51
N GLY A 259 11.49 -3.30 -4.79
CA GLY A 259 11.75 -2.33 -5.85
C GLY A 259 10.79 -1.16 -5.87
N THR A 260 9.51 -1.45 -5.65
CA THR A 260 8.49 -0.41 -5.51
C THR A 260 8.84 0.49 -4.33
N LYS A 261 9.23 -0.14 -3.22
CA LYS A 261 9.59 0.58 -2.00
C LYS A 261 10.83 1.44 -2.18
N PHE A 262 11.85 0.84 -2.77
CA PHE A 262 13.12 1.53 -3.05
C PHE A 262 12.97 2.59 -4.16
N GLY A 263 12.15 2.30 -5.17
CA GLY A 263 11.79 3.30 -6.19
C GLY A 263 11.24 4.60 -5.59
N LEU A 264 10.35 4.47 -4.62
CA LEU A 264 9.68 5.63 -4.03
C LEU A 264 10.50 6.32 -2.91
N GLN A 265 11.29 5.55 -2.16
CA GLN A 265 12.16 6.12 -1.12
C GLN A 265 13.19 7.04 -1.77
N SER A 266 13.93 6.48 -2.73
CA SER A 266 15.15 7.08 -3.24
C SER A 266 14.97 8.19 -4.30
N GLY A 267 13.74 8.59 -4.58
CA GLY A 267 13.51 9.72 -5.49
C GLY A 267 13.07 9.37 -6.90
N GLY A 268 12.61 8.13 -7.11
CA GLY A 268 12.15 7.69 -8.42
C GLY A 268 10.86 8.38 -8.87
N ARG A 269 10.62 8.31 -10.18
CA ARG A 269 9.44 8.90 -10.78
C ARG A 269 8.20 8.12 -10.36
N THR A 270 7.36 8.76 -9.55
CA THR A 270 6.25 8.05 -8.93
C THR A 270 5.45 7.27 -9.96
N GLU A 271 4.92 7.98 -10.96
CA GLU A 271 3.93 7.41 -11.87
C GLU A 271 4.51 6.28 -12.71
N SER A 272 5.81 6.35 -12.99
CA SER A 272 6.52 5.25 -13.64
C SER A 272 6.66 4.04 -12.74
N ILE A 273 6.92 4.26 -11.45
CA ILE A 273 7.06 3.15 -10.48
C ILE A 273 5.73 2.49 -10.24
N LEU A 274 4.66 3.29 -10.16
CA LEU A 274 3.36 2.79 -9.72
C LEU A 274 2.38 2.44 -10.86
N ILE A 275 2.90 2.24 -12.07
CA ILE A 275 2.15 1.54 -13.13
C ILE A 275 1.64 0.16 -12.67
N SER A 276 2.26 -0.36 -11.61
CA SER A 276 1.90 -1.66 -11.07
C SER A 276 0.50 -1.68 -10.43
N LEU A 277 0.01 -0.53 -9.99
CA LEU A 277 -1.27 -0.50 -9.31
C LEU A 277 -2.38 -0.71 -10.34
N PRO A 278 -3.48 -1.40 -9.95
CA PRO A 278 -4.57 -1.77 -10.86
C PRO A 278 -5.52 -0.60 -11.10
N PRO A 279 -6.36 -0.67 -12.14
CA PRO A 279 -7.28 0.43 -12.46
C PRO A 279 -8.31 0.70 -11.37
N ARG A 280 -8.97 -0.35 -10.89
CA ARG A 280 -9.90 -0.26 -9.77
C ARG A 280 -9.59 -1.40 -8.80
N ALA A 281 -9.75 -1.14 -7.51
CA ALA A 281 -9.54 -2.13 -6.47
C ALA A 281 -10.57 -1.92 -5.39
N ARG A 282 -10.97 -3.01 -4.73
CA ARG A 282 -11.93 -2.97 -3.63
C ARG A 282 -11.34 -3.63 -2.39
N TRP A 283 -11.77 -3.14 -1.23
CA TRP A 283 -11.42 -3.74 0.06
C TRP A 283 -12.67 -3.84 0.93
N GLY A 284 -12.88 -4.99 1.54
CA GLY A 284 -13.97 -5.18 2.48
C GLY A 284 -13.53 -5.83 3.77
N TYR A 285 -14.18 -5.48 4.87
CA TYR A 285 -13.83 -6.07 6.12
C TYR A 285 -14.15 -7.56 6.12
N ASN A 286 -13.12 -8.37 6.32
CA ASN A 286 -13.21 -9.82 6.28
C ASN A 286 -13.64 -10.37 4.93
N TRP A 287 -13.33 -9.64 3.86
CA TRP A 287 -13.77 -10.11 2.56
C TRP A 287 -13.14 -11.47 2.23
N GLN A 288 -13.99 -12.44 1.89
CA GLN A 288 -13.59 -13.74 1.38
C GLN A 288 -14.55 -14.07 0.25
N PRO A 289 -14.09 -14.82 -0.79
CA PRO A 289 -15.04 -15.37 -1.77
C PRO A 289 -15.81 -16.54 -1.19
N GLU A 290 -17.00 -16.80 -1.71
CA GLU A 290 -17.85 -17.85 -1.15
C GLU A 290 -17.18 -19.21 -1.33
N PRO A 291 -16.85 -19.88 -0.23
CA PRO A 291 -16.11 -21.12 -0.33
C PRO A 291 -16.89 -22.14 -1.15
N GLY A 292 -16.18 -22.85 -2.04
CA GLY A 292 -16.78 -23.84 -2.91
C GLY A 292 -17.02 -23.34 -4.33
N THR A 293 -16.72 -22.07 -4.58
CA THR A 293 -16.98 -21.46 -5.88
C THR A 293 -15.69 -21.36 -6.70
N PRO A 294 -15.81 -21.05 -7.99
CA PRO A 294 -14.58 -20.79 -8.75
C PRO A 294 -13.74 -19.68 -8.12
N GLU A 295 -14.39 -18.78 -7.38
CA GLU A 295 -13.71 -17.65 -6.75
C GLU A 295 -12.80 -18.09 -5.59
N ALA A 296 -13.25 -19.06 -4.80
CA ALA A 296 -12.47 -19.60 -3.66
C ALA A 296 -11.39 -20.56 -4.12
N ARG A 297 -11.63 -21.25 -5.23
CA ARG A 297 -10.66 -22.18 -5.76
C ARG A 297 -9.27 -21.55 -6.02
N LEU A 298 -9.22 -20.26 -6.39
CA LEU A 298 -7.93 -19.60 -6.65
C LEU A 298 -6.99 -19.73 -5.45
N THR A 299 -7.50 -19.48 -4.26
CA THR A 299 -6.69 -19.47 -3.02
C THR A 299 -6.59 -20.84 -2.33
N GLU A 300 -7.63 -21.66 -2.51
CA GLU A 300 -7.71 -23.00 -1.92
C GLU A 300 -6.85 -24.04 -2.64
N TYR A 301 -6.69 -23.88 -3.95
CA TYR A 301 -5.96 -24.83 -4.80
C TYR A 301 -4.82 -24.18 -5.56
N PHE A 302 -5.15 -23.20 -6.42
CA PHE A 302 -4.17 -22.60 -7.34
C PHE A 302 -2.97 -21.91 -6.68
N LEU A 303 -3.21 -21.13 -5.64
CA LEU A 303 -2.12 -20.40 -4.98
C LEU A 303 -1.24 -21.28 -4.08
N THR A 304 -1.71 -22.46 -3.70
CA THR A 304 -0.96 -23.30 -2.76
C THR A 304 -0.34 -24.57 -3.36
N LYS A 305 -0.55 -24.80 -4.66
CA LYS A 305 -0.04 -26.01 -5.31
C LYS A 305 1.51 -26.05 -5.29
N ARG A 306 2.14 -24.95 -5.69
CA ARG A 306 3.60 -24.86 -5.78
C ARG A 306 4.24 -26.19 -6.24
N GLN A 307 3.81 -26.63 -7.42
CA GLN A 307 4.42 -27.74 -8.15
C GLN A 307 3.61 -27.86 -9.44
N TRP A 308 4.11 -27.26 -10.52
CA TRP A 308 3.43 -27.25 -11.81
C TRP A 308 4.12 -28.10 -12.87
N VAL A 309 5.44 -28.09 -12.87
CA VAL A 309 6.22 -28.90 -13.82
C VAL A 309 6.78 -30.09 -13.09
N HIS B 6 2.95 -2.49 39.10
CA HIS B 6 2.64 -1.39 40.05
C HIS B 6 1.18 -1.53 40.51
N HIS B 7 0.73 -0.59 41.36
CA HIS B 7 -0.66 -0.51 41.80
C HIS B 7 -1.35 0.71 41.20
N HIS B 8 -0.74 1.89 41.35
CA HIS B 8 -1.33 3.14 40.85
C HIS B 8 -1.51 3.11 39.33
N SER B 10 -1.68 0.36 37.36
CA SER B 10 -2.68 -0.68 37.04
C SER B 10 -4.10 -0.14 37.20
N LEU B 11 -4.30 0.60 38.29
CA LEU B 11 -5.57 1.27 38.56
C LEU B 11 -5.88 2.36 37.52
N ALA B 12 -4.83 3.03 37.01
CA ALA B 12 -4.98 4.11 36.04
C ALA B 12 -5.20 3.56 34.63
N VAL B 13 -4.36 2.61 34.25
CA VAL B 13 -4.54 1.82 33.04
C VAL B 13 -5.98 1.33 32.84
N GLU B 14 -6.64 0.93 33.93
CA GLU B 14 -8.01 0.44 33.84
C GLU B 14 -9.02 1.58 33.66
N ALA B 15 -8.78 2.72 34.28
CA ALA B 15 -9.60 3.88 34.00
C ALA B 15 -9.50 4.26 32.52
N VAL B 16 -8.32 4.04 31.92
CA VAL B 16 -8.08 4.32 30.49
C VAL B 16 -8.83 3.36 29.56
N LYS B 17 -8.86 2.09 29.95
CA LYS B 17 -9.58 1.09 29.19
C LYS B 17 -11.04 1.50 29.15
N ASP B 18 -11.62 1.71 30.33
CA ASP B 18 -13.04 2.03 30.47
C ASP B 18 -13.40 3.25 29.64
N PHE B 19 -12.56 4.27 29.68
CA PHE B 19 -12.76 5.40 28.79
C PHE B 19 -12.82 4.95 27.33
N LEU B 20 -11.89 4.09 26.93
CA LEU B 20 -11.83 3.67 25.53
C LEU B 20 -13.08 2.88 25.12
N LEU B 21 -13.54 1.96 25.97
CA LEU B 21 -14.72 1.16 25.66
C LEU B 21 -15.95 2.05 25.45
N LYS B 22 -16.10 3.05 26.31
CA LYS B 22 -17.20 3.99 26.19
C LYS B 22 -17.04 4.91 25.00
N LEU B 23 -15.80 5.35 24.72
CA LEU B 23 -15.51 6.23 23.58
C LEU B 23 -16.03 5.60 22.31
N GLN B 24 -15.87 4.28 22.22
CA GLN B 24 -16.23 3.53 21.02
C GLN B 24 -17.75 3.45 20.88
N ASP B 25 -18.42 3.04 21.94
CA ASP B 25 -19.89 3.01 21.92
C ASP B 25 -20.41 4.38 21.50
N ASP B 26 -19.87 5.42 22.12
CA ASP B 26 -20.31 6.78 21.88
C ASP B 26 -20.12 7.23 20.44
N ILE B 27 -18.95 6.93 19.89
CA ILE B 27 -18.66 7.27 18.49
C ILE B 27 -19.57 6.49 17.57
N CYS B 28 -19.74 5.20 17.83
CA CYS B 28 -20.61 4.37 17.01
C CYS B 28 -22.06 4.86 17.04
N GLU B 29 -22.57 5.11 18.24
CA GLU B 29 -23.91 5.68 18.40
C GLU B 29 -24.09 6.95 17.55
N ALA B 30 -23.20 7.93 17.73
CA ALA B 30 -23.26 9.17 16.95
C ALA B 30 -23.30 8.87 15.46
N LEU B 31 -22.38 8.00 15.02
CA LEU B 31 -22.27 7.68 13.59
C LEU B 31 -23.52 6.94 13.07
N GLU B 32 -24.09 6.05 13.89
CA GLU B 32 -25.35 5.38 13.57
C GLU B 32 -26.50 6.37 13.52
N ALA B 33 -26.50 7.34 14.43
CA ALA B 33 -27.50 8.39 14.44
C ALA B 33 -27.54 9.16 13.12
N GLU B 34 -26.37 9.39 12.51
CA GLU B 34 -26.28 10.17 11.25
C GLU B 34 -26.65 9.36 10.01
N ASP B 35 -26.43 8.04 10.07
CA ASP B 35 -26.68 7.18 8.93
C ASP B 35 -28.16 6.95 8.79
N GLY B 36 -28.78 6.50 9.88
CA GLY B 36 -30.21 6.22 9.93
C GLY B 36 -30.57 4.81 9.48
N GLN B 37 -29.73 4.21 8.64
CA GLN B 37 -30.08 3.00 7.88
C GLN B 37 -29.31 1.73 8.32
N ALA B 38 -27.99 1.75 8.15
CA ALA B 38 -27.10 0.65 8.57
C ALA B 38 -26.60 0.87 9.99
N THR B 39 -26.15 -0.19 10.65
CA THR B 39 -25.62 -0.08 12.01
C THR B 39 -24.35 -0.89 12.11
N PHE B 40 -23.48 -0.56 13.08
CA PHE B 40 -22.18 -1.28 13.22
C PHE B 40 -22.38 -2.75 13.60
N VAL B 41 -21.60 -3.63 12.97
CA VAL B 41 -21.58 -5.04 13.33
C VAL B 41 -20.30 -5.23 14.14
N GLU B 42 -20.39 -5.95 15.25
CA GLU B 42 -19.23 -6.15 16.10
C GLU B 42 -18.60 -7.52 15.89
N ASP B 43 -17.28 -7.53 15.81
CA ASP B 43 -16.53 -8.76 15.69
C ASP B 43 -15.48 -8.82 16.80
N LYS B 44 -15.79 -9.58 17.85
CA LYS B 44 -14.88 -9.77 18.98
C LYS B 44 -13.83 -10.79 18.62
N TRP B 45 -12.59 -10.53 19.02
CA TRP B 45 -11.49 -11.45 18.75
C TRP B 45 -10.53 -11.53 19.93
N THR B 46 -9.78 -12.62 20.02
CA THR B 46 -8.95 -12.91 21.18
C THR B 46 -7.57 -13.36 20.74
N ARG B 47 -6.58 -12.50 20.99
CA ARG B 47 -5.19 -12.75 20.63
C ARG B 47 -4.71 -14.02 21.29
N GLU B 48 -4.03 -14.87 20.50
CA GLU B 48 -3.34 -16.05 21.03
C GLU B 48 -2.00 -15.58 21.59
N GLY B 49 -1.96 -15.34 22.91
CA GLY B 49 -0.81 -14.75 23.58
C GLY B 49 -1.17 -13.78 24.70
N GLY B 50 -2.34 -13.13 24.57
CA GLY B 50 -2.84 -12.24 25.61
C GLY B 50 -3.70 -11.11 25.06
N GLY B 51 -4.94 -11.03 25.55
CA GLY B 51 -5.85 -9.96 25.18
C GLY B 51 -6.60 -10.21 23.89
N GLY B 52 -7.00 -9.13 23.24
CA GLY B 52 -7.88 -9.19 22.07
C GLY B 52 -8.49 -7.84 21.77
N GLY B 53 -9.72 -7.84 21.27
CA GLY B 53 -10.41 -6.59 20.92
C GLY B 53 -11.78 -6.72 20.29
N ARG B 54 -12.43 -5.60 20.03
CA ARG B 54 -13.73 -5.57 19.36
C ARG B 54 -13.64 -4.69 18.14
N THR B 55 -13.74 -5.28 16.96
CA THR B 55 -13.77 -4.50 15.72
C THR B 55 -15.23 -4.28 15.26
N ARG B 56 -15.66 -3.03 15.23
CA ARG B 56 -17.00 -2.68 14.74
C ARG B 56 -16.98 -2.01 13.36
N VAL B 57 -17.66 -2.63 12.40
CA VAL B 57 -17.68 -2.09 11.05
C VAL B 57 -19.09 -1.82 10.55
N VAL B 59 -21.22 -1.00 6.70
CA VAL B 59 -21.07 -1.14 5.25
C VAL B 59 -22.38 -0.80 4.55
N ASP B 60 -22.28 -0.16 3.38
CA ASP B 60 -23.43 0.13 2.53
C ASP B 60 -24.53 0.91 3.25
N GLY B 61 -24.14 1.94 3.98
CA GLY B 61 -25.09 2.75 4.72
C GLY B 61 -25.78 3.76 3.82
N ALA B 62 -26.65 4.57 4.41
CA ALA B 62 -27.18 5.73 3.71
C ALA B 62 -26.10 6.79 3.57
N VAL B 63 -25.27 6.93 4.61
CA VAL B 63 -24.20 7.96 4.68
C VAL B 63 -22.78 7.38 4.71
N ILE B 64 -22.58 6.27 5.43
CA ILE B 64 -21.23 5.71 5.64
C ILE B 64 -21.05 4.41 4.86
N GLU B 65 -20.34 4.51 3.72
CA GLU B 65 -20.20 3.39 2.79
C GLU B 65 -19.35 2.26 3.37
N LYS B 66 -18.28 2.64 4.07
CA LYS B 66 -17.42 1.73 4.82
C LYS B 66 -16.93 2.47 6.05
N GLY B 67 -17.19 1.91 7.22
CA GLY B 67 -16.83 2.56 8.47
C GLY B 67 -16.20 1.52 9.38
N GLY B 68 -15.17 1.92 10.11
CA GLY B 68 -14.48 1.04 11.04
C GLY B 68 -14.15 1.76 12.31
N VAL B 69 -14.68 1.27 13.43
CA VAL B 69 -14.34 1.77 14.76
C VAL B 69 -13.94 0.60 15.68
N ASN B 70 -12.64 0.44 15.85
CA ASN B 70 -12.05 -0.67 16.57
C ASN B 70 -11.62 -0.36 18.00
N PHE B 71 -11.63 -1.40 18.83
CA PHE B 71 -11.01 -1.34 20.16
C PHE B 71 -10.05 -2.52 20.31
N SER B 72 -8.86 -2.25 20.83
CA SER B 72 -7.91 -3.29 21.16
C SER B 72 -7.39 -3.12 22.57
N HIS B 73 -7.19 -4.23 23.25
CA HIS B 73 -6.38 -4.30 24.46
C HIS B 73 -5.52 -5.54 24.37
N VAL B 74 -4.26 -5.34 23.99
CA VAL B 74 -3.29 -6.43 23.85
C VAL B 74 -2.28 -6.35 24.99
N TYR B 75 -1.76 -7.50 25.41
CA TYR B 75 -0.77 -7.52 26.49
C TYR B 75 0.04 -8.81 26.44
N GLY B 76 1.34 -8.74 26.73
CA GLY B 76 2.20 -9.92 26.59
C GLY B 76 3.50 -9.95 27.39
N LYS B 77 4.19 -11.09 27.28
CA LYS B 77 5.51 -11.25 27.85
C LYS B 77 6.50 -10.94 26.74
N GLY B 78 7.17 -9.80 26.87
CA GLY B 78 8.13 -9.35 25.87
C GLY B 78 7.45 -8.81 24.62
N LEU B 79 8.01 -7.74 24.07
CA LEU B 79 7.43 -7.09 22.90
C LEU B 79 7.63 -7.97 21.68
N PRO B 80 6.91 -7.67 20.57
CA PRO B 80 7.20 -8.35 19.29
C PRO B 80 8.57 -7.98 18.68
N SER B 82 9.78 -6.66 15.87
CA SER B 82 10.03 -5.35 15.27
C SER B 82 9.76 -4.20 16.26
N SER B 83 9.78 -4.51 17.55
CA SER B 83 9.84 -3.47 18.60
C SER B 83 11.22 -3.43 19.26
N THR B 84 12.11 -4.36 18.89
CA THR B 84 13.53 -4.24 19.20
C THR B 84 14.20 -3.41 18.09
N GLU B 85 13.89 -2.11 18.08
CA GLU B 85 14.47 -1.16 17.12
C GLU B 85 14.29 0.30 17.57
N ARG B 86 13.10 0.63 18.05
CA ARG B 86 12.85 1.92 18.71
C ARG B 86 12.77 1.76 20.23
N HIS B 87 12.49 0.53 20.69
CA HIS B 87 12.44 0.21 22.12
C HIS B 87 13.15 -1.13 22.39
N PRO B 88 14.49 -1.16 22.28
CA PRO B 88 15.25 -2.38 22.58
C PRO B 88 15.41 -2.61 24.09
N ASP B 89 15.59 -1.53 24.85
CA ASP B 89 15.76 -1.59 26.31
C ASP B 89 14.54 -2.11 27.10
N ILE B 90 13.37 -2.17 26.45
CA ILE B 90 12.15 -2.71 27.08
C ILE B 90 11.51 -3.81 26.23
N ALA B 91 12.34 -4.62 25.59
CA ALA B 91 11.88 -5.67 24.68
C ALA B 91 11.52 -6.97 25.41
N GLY B 92 12.03 -7.13 26.64
CA GLY B 92 11.71 -8.30 27.47
C GLY B 92 10.60 -8.07 28.49
N CYS B 93 10.17 -6.82 28.60
CA CYS B 93 9.14 -6.40 29.57
C CYS B 93 7.77 -6.98 29.27
N ASN B 94 6.96 -7.13 30.31
CA ASN B 94 5.51 -7.31 30.14
C ASN B 94 4.94 -5.99 29.66
N PHE B 95 4.10 -6.03 28.62
CA PHE B 95 3.53 -4.79 28.06
C PHE B 95 2.01 -4.80 28.05
N GLU B 96 1.43 -3.61 27.97
CA GLU B 96 0.00 -3.43 27.71
C GLU B 96 -0.15 -2.33 26.67
N ALA B 97 -0.90 -2.63 25.62
CA ALA B 97 -1.23 -1.61 24.63
C ALA B 97 -2.72 -1.68 24.39
N GLY B 99 -6.23 0.87 22.79
CA GLY B 99 -6.60 2.02 22.02
C GLY B 99 -7.86 1.85 21.22
N VAL B 100 -8.36 2.98 20.74
CA VAL B 100 -9.48 2.99 19.82
C VAL B 100 -8.96 3.65 18.54
N SER B 101 -9.28 3.06 17.40
CA SER B 101 -8.84 3.57 16.12
C SER B 101 -10.00 3.45 15.16
N LEU B 102 -10.22 4.50 14.37
CA LEU B 102 -11.32 4.51 13.43
C LEU B 102 -10.96 5.16 12.11
N VAL B 103 -11.58 4.69 11.03
CA VAL B 103 -11.52 5.35 9.74
C VAL B 103 -12.95 5.32 9.19
N ILE B 104 -13.45 6.46 8.75
CA ILE B 104 -14.80 6.55 8.18
C ILE B 104 -14.68 6.99 6.74
N HIS B 105 -15.28 6.22 5.84
CA HIS B 105 -15.35 6.54 4.41
C HIS B 105 -16.82 6.72 3.99
N PRO B 106 -17.29 7.97 3.87
CA PRO B 106 -18.66 8.24 3.49
C PRO B 106 -18.99 7.90 2.05
N LYS B 107 -20.24 7.50 1.81
CA LYS B 107 -20.76 7.21 0.45
C LYS B 107 -20.70 8.46 -0.44
N ASN B 108 -21.16 9.58 0.13
CA ASN B 108 -21.16 10.88 -0.54
C ASN B 108 -19.75 11.47 -0.57
N PRO B 109 -19.26 11.88 -1.76
CA PRO B 109 -17.94 12.51 -1.89
C PRO B 109 -17.81 13.85 -1.18
N HIS B 110 -18.95 14.52 -0.98
CA HIS B 110 -18.97 15.82 -0.30
C HIS B 110 -18.89 15.67 1.21
N VAL B 111 -18.92 14.43 1.69
CA VAL B 111 -18.61 14.14 3.10
C VAL B 111 -17.19 13.61 3.12
N PRO B 112 -16.28 14.29 3.87
CA PRO B 112 -14.91 13.80 3.99
C PRO B 112 -14.75 12.46 4.72
N THR B 113 -13.72 11.71 4.30
CA THR B 113 -13.22 10.58 5.06
C THR B 113 -12.61 11.17 6.31
N SER B 114 -12.66 10.44 7.41
CA SER B 114 -11.97 10.89 8.59
C SER B 114 -11.36 9.73 9.34
N HIS B 115 -10.47 10.10 10.25
CA HIS B 115 -9.71 9.14 11.02
C HIS B 115 -9.44 9.70 12.40
N ALA B 116 -9.47 8.83 13.39
CA ALA B 116 -9.10 9.20 14.74
C ALA B 116 -8.52 8.00 15.45
N ASN B 117 -7.75 8.29 16.49
CA ASN B 117 -7.03 7.29 17.24
C ASN B 117 -6.67 7.83 18.63
N VAL B 118 -6.95 7.03 19.65
CA VAL B 118 -6.40 7.28 20.99
C VAL B 118 -5.88 5.94 21.56
N ARG B 119 -4.64 5.94 22.04
CA ARG B 119 -4.02 4.72 22.56
C ARG B 119 -3.09 4.97 23.74
N LEU B 120 -2.80 3.91 24.49
CA LEU B 120 -1.80 3.94 25.54
C LEU B 120 -0.97 2.67 25.47
N PHE B 121 0.33 2.82 25.63
CA PHE B 121 1.24 1.71 25.73
C PHE B 121 1.86 1.83 27.09
N VAL B 122 2.05 0.71 27.77
CA VAL B 122 2.69 0.67 29.06
C VAL B 122 3.58 -0.57 29.13
N ALA B 123 4.81 -0.39 29.62
CA ALA B 123 5.79 -1.46 29.74
C ALA B 123 6.22 -1.54 31.20
N GLU B 124 5.75 -2.57 31.91
CA GLU B 124 6.05 -2.70 33.32
C GLU B 124 7.51 -3.19 33.45
N ARG B 125 8.28 -2.53 34.31
CA ARG B 125 9.70 -2.81 34.51
C ARG B 125 9.95 -3.16 35.98
N GLU B 126 10.78 -4.16 36.24
CA GLU B 126 11.02 -4.62 37.63
C GLU B 126 11.91 -3.66 38.44
N GLY B 127 11.35 -3.05 39.49
CA GLY B 127 12.09 -2.12 40.37
C GLY B 127 12.12 -0.66 39.91
N LYS B 128 12.22 -0.47 38.59
CA LYS B 128 12.20 0.86 37.95
C LYS B 128 10.76 1.25 37.67
N GLU B 129 10.48 2.55 37.62
CA GLU B 129 9.13 3.01 37.25
C GLU B 129 8.75 2.48 35.86
N PRO B 130 7.45 2.27 35.60
CA PRO B 130 7.07 1.83 34.25
C PRO B 130 7.31 2.88 33.20
N VAL B 131 7.55 2.44 31.96
CA VAL B 131 7.54 3.35 30.82
C VAL B 131 6.15 3.30 30.25
N TRP B 132 5.67 4.45 29.78
CA TRP B 132 4.35 4.56 29.19
C TRP B 132 4.28 5.79 28.28
N TRP B 133 3.37 5.75 27.31
CA TRP B 133 3.00 6.96 26.58
C TRP B 133 1.64 6.84 25.93
N PHE B 134 1.03 7.99 25.66
CA PHE B 134 -0.21 8.06 24.91
C PHE B 134 0.11 8.50 23.50
N GLY B 135 -0.85 8.34 22.60
CA GLY B 135 -0.68 8.73 21.21
C GLY B 135 -2.00 8.81 20.50
N GLY B 136 -1.99 9.47 19.33
CA GLY B 136 -3.16 9.48 18.42
C GLY B 136 -3.48 10.85 17.86
N GLY B 137 -4.74 11.22 17.88
CA GLY B 137 -5.20 12.48 17.29
C GLY B 137 -6.32 12.23 16.30
N PHE B 138 -6.68 13.24 15.54
CA PHE B 138 -7.70 13.05 14.51
C PHE B 138 -7.46 13.92 13.28
N ASP B 139 -8.00 13.51 12.14
CA ASP B 139 -7.75 14.26 10.91
C ASP B 139 -8.86 14.11 9.87
N LEU B 140 -8.93 15.08 8.95
CA LEU B 140 -10.00 15.14 7.96
C LEU B 140 -9.42 14.96 6.58
N THR B 141 -9.99 14.04 5.81
CA THR B 141 -9.57 13.77 4.43
C THR B 141 -10.76 14.05 3.48
N PRO B 142 -10.91 15.30 3.06
CA PRO B 142 -12.00 15.67 2.17
C PRO B 142 -11.74 15.31 0.71
N TYR B 143 -12.82 15.29 -0.08
CA TYR B 143 -12.68 15.14 -1.53
C TYR B 143 -13.12 16.46 -2.15
N TYR B 144 -14.31 16.92 -1.80
CA TYR B 144 -14.77 18.25 -2.19
C TYR B 144 -14.89 19.14 -0.95
N ALA B 145 -13.77 19.75 -0.59
CA ALA B 145 -13.65 20.46 0.67
C ALA B 145 -14.42 21.78 0.62
N VAL B 146 -15.00 22.16 1.77
CA VAL B 146 -15.58 23.47 1.98
C VAL B 146 -14.67 24.22 2.95
N GLU B 147 -14.43 25.51 2.70
CA GLU B 147 -13.61 26.33 3.60
C GLU B 147 -14.09 26.26 5.07
N GLU B 148 -15.38 26.56 5.29
CA GLU B 148 -15.96 26.64 6.64
C GLU B 148 -15.75 25.38 7.48
N ASP B 149 -15.85 24.21 6.84
CA ASP B 149 -15.62 22.94 7.49
C ASP B 149 -14.18 22.73 7.94
N CYS B 150 -13.22 23.12 7.12
CA CYS B 150 -11.81 23.04 7.50
C CYS B 150 -11.51 23.92 8.73
N ARG B 151 -11.92 25.19 8.67
CA ARG B 151 -11.77 26.13 9.79
C ARG B 151 -12.37 25.57 11.07
N ASP B 152 -13.61 25.12 10.98
CA ASP B 152 -14.37 24.57 12.13
C ASP B 152 -13.65 23.37 12.75
N PHE B 153 -13.36 22.39 11.90
CA PHE B 153 -12.60 21.19 12.30
C PHE B 153 -11.37 21.56 13.10
N HIS B 154 -10.67 22.61 12.67
CA HIS B 154 -9.45 23.02 13.36
C HIS B 154 -9.69 23.84 14.62
N GLN B 155 -10.72 24.68 14.58
CA GLN B 155 -11.09 25.45 15.74
C GLN B 155 -11.46 24.51 16.88
N VAL B 156 -12.14 23.41 16.55
CA VAL B 156 -12.54 22.41 17.55
C VAL B 156 -11.31 21.77 18.21
N ALA B 157 -10.30 21.48 17.39
CA ALA B 157 -8.98 21.03 17.85
C ALA B 157 -8.25 22.13 18.63
N GLN B 158 -8.25 23.35 18.10
CA GLN B 158 -7.55 24.43 18.82
C GLN B 158 -8.19 24.64 20.18
N ASP B 159 -9.51 24.54 20.24
CA ASP B 159 -10.27 24.79 21.47
C ASP B 159 -10.06 23.75 22.55
N LEU B 160 -9.99 22.47 22.17
CA LEU B 160 -9.80 21.37 23.13
C LEU B 160 -8.37 21.38 23.71
N CYS B 161 -7.42 21.87 22.91
CA CYS B 161 -6.02 22.00 23.35
C CYS B 161 -5.79 23.15 24.31
N LYS B 162 -6.40 24.30 24.02
CA LYS B 162 -6.14 25.52 24.78
C LYS B 162 -5.80 25.32 26.28
N PRO B 163 -6.75 24.79 27.09
CA PRO B 163 -6.47 24.58 28.52
C PRO B 163 -5.21 23.77 28.84
N PHE B 164 -4.71 23.00 27.90
CA PHE B 164 -3.52 22.19 28.15
C PHE B 164 -2.22 22.97 27.95
N GLY B 165 -2.28 24.12 27.25
CA GLY B 165 -1.11 24.99 27.07
C GLY B 165 -1.09 25.79 25.76
N ALA B 166 -0.48 26.97 25.80
CA ALA B 166 -0.45 27.91 24.66
C ALA B 166 0.09 27.35 23.32
N ASP B 167 0.96 26.35 23.40
CA ASP B 167 1.67 25.85 22.22
C ASP B 167 1.23 24.42 21.82
N VAL B 168 0.26 23.85 22.53
CA VAL B 168 -0.18 22.48 22.28
C VAL B 168 -0.81 22.32 20.88
N TYR B 169 -1.76 23.15 20.52
CA TYR B 169 -2.38 23.03 19.19
C TYR B 169 -1.33 23.17 18.09
N ALA B 170 -0.46 24.18 18.21
CA ALA B 170 0.59 24.43 17.21
C ALA B 170 1.48 23.21 16.97
N ARG B 171 1.88 22.55 18.06
CA ARG B 171 2.75 21.37 17.95
C ARG B 171 2.02 20.22 17.25
N PHE B 172 0.85 19.85 17.76
CA PHE B 172 0.14 18.64 17.29
C PHE B 172 -0.61 18.83 15.97
N LYS B 173 -0.98 20.08 15.67
CA LYS B 173 -1.43 20.43 14.30
C LYS B 173 -0.26 20.42 13.30
N GLY B 174 0.89 20.92 13.72
CA GLY B 174 2.08 20.88 12.88
C GLY B 174 2.50 19.44 12.65
N TRP B 175 2.52 18.67 13.71
CA TRP B 175 2.91 17.27 13.64
C TRP B 175 1.99 16.52 12.67
N CYS B 176 0.68 16.84 12.70
CA CYS B 176 -0.30 16.21 11.81
C CYS B 176 0.04 16.41 10.34
N ASP B 177 0.51 17.61 10.01
CA ASP B 177 0.88 17.95 8.63
C ASP B 177 2.15 17.23 8.20
N GLU B 178 3.12 17.10 9.10
CA GLU B 178 4.37 16.41 8.77
C GLU B 178 4.12 14.91 8.64
N TYR B 179 3.34 14.35 9.54
CA TYR B 179 3.04 12.93 9.53
C TYR B 179 2.21 12.57 8.31
N PHE B 180 0.93 12.95 8.30
CA PHE B 180 0.02 12.57 7.20
C PHE B 180 0.36 13.33 5.91
N PHE B 181 1.46 12.92 5.30
CA PHE B 181 2.02 13.56 4.12
C PHE B 181 2.68 12.47 3.29
N ILE B 182 2.47 12.52 1.98
CA ILE B 182 3.06 11.57 1.07
C ILE B 182 4.24 12.28 0.38
N PRO B 183 5.47 12.05 0.91
CA PRO B 183 6.67 12.71 0.38
C PRO B 183 6.93 12.46 -1.10
N TYR B 184 6.80 11.21 -1.56
CA TYR B 184 7.07 10.87 -2.95
C TYR B 184 6.09 11.49 -3.94
N ARG B 185 4.91 11.87 -3.47
CA ARG B 185 3.96 12.64 -4.28
C ARG B 185 3.95 14.10 -3.87
N ASN B 186 4.81 14.48 -2.92
CA ASN B 186 4.85 15.83 -2.38
C ASN B 186 3.44 16.34 -2.09
N GLU B 187 2.69 15.56 -1.33
CA GLU B 187 1.27 15.81 -1.21
C GLU B 187 0.71 15.40 0.13
N ALA B 188 0.07 16.35 0.81
CA ALA B 188 -0.65 16.11 2.05
C ALA B 188 -1.73 15.02 1.85
N ARG B 189 -2.09 14.34 2.94
CA ARG B 189 -3.18 13.36 2.90
C ARG B 189 -4.56 14.00 3.00
N GLY B 190 -4.72 14.92 3.95
CA GLY B 190 -6.00 15.63 4.17
C GLY B 190 -5.78 17.10 4.49
N ILE B 191 -6.74 17.71 5.18
CA ILE B 191 -6.58 19.13 5.56
C ILE B 191 -6.02 19.30 6.98
N GLY B 192 -5.73 18.16 7.62
CA GLY B 192 -4.98 18.13 8.88
C GLY B 192 -5.84 17.80 10.08
N GLY B 193 -5.46 18.34 11.23
CA GLY B 193 -6.13 18.06 12.51
C GLY B 193 -5.12 17.99 13.64
N LEU B 194 -5.15 16.89 14.39
CA LEU B 194 -4.18 16.64 15.47
C LEU B 194 -3.47 15.31 15.28
N PHE B 195 -2.19 15.31 15.66
CA PHE B 195 -1.42 14.09 15.77
C PHE B 195 -0.37 14.24 16.85
N PHE B 196 -0.22 13.20 17.67
CA PHE B 196 0.81 13.19 18.72
C PHE B 196 1.22 11.75 19.05
N ASP B 197 2.48 11.58 19.38
CA ASP B 197 2.97 10.29 19.83
C ASP B 197 4.00 10.50 20.94
N ASP B 198 4.33 9.42 21.65
CA ASP B 198 5.30 9.48 22.76
C ASP B 198 4.89 10.51 23.81
N LEU B 199 3.58 10.62 24.05
CA LEU B 199 3.05 11.61 25.00
C LEU B 199 3.17 11.12 26.43
N ASN B 200 4.26 11.51 27.08
CA ASN B 200 4.45 11.29 28.53
C ASN B 200 5.19 12.47 29.18
N GLU B 201 5.10 13.63 28.54
CA GLU B 201 5.83 14.81 28.99
C GLU B 201 5.15 15.37 30.24
N TRP B 202 3.85 15.11 30.35
CA TRP B 202 3.03 15.56 31.47
C TRP B 202 2.77 14.39 32.42
N PRO B 203 2.38 14.68 33.68
CA PRO B 203 1.94 13.59 34.54
C PRO B 203 0.85 12.77 33.85
N PHE B 204 0.85 11.47 34.12
CA PHE B 204 -0.12 10.57 33.52
C PHE B 204 -1.53 11.17 33.48
N GLU B 205 -2.08 11.55 34.65
CA GLU B 205 -3.46 12.04 34.68
C GLU B 205 -3.68 13.15 33.65
N LYS B 206 -2.74 14.07 33.49
CA LYS B 206 -2.95 15.17 32.55
C LYS B 206 -2.99 14.64 31.12
N CYS B 207 -2.02 13.81 30.74
CA CYS B 207 -2.01 13.23 29.39
C CYS B 207 -3.31 12.55 29.09
N PHE B 208 -3.81 11.78 30.06
CA PHE B 208 -5.04 11.02 29.92
C PHE B 208 -6.22 11.94 29.59
N GLU B 209 -6.41 12.97 30.42
CA GLU B 209 -7.49 13.96 30.20
C GLU B 209 -7.41 14.58 28.81
N PHE B 210 -6.19 14.77 28.33
CA PHE B 210 -5.97 15.27 26.98
C PHE B 210 -6.53 14.33 25.91
N VAL B 211 -6.23 13.04 26.03
CA VAL B 211 -6.70 12.09 25.02
C VAL B 211 -8.22 11.97 25.10
N GLN B 212 -8.79 12.20 26.28
CA GLN B 212 -10.25 12.22 26.44
C GLN B 212 -10.84 13.40 25.73
N ALA B 213 -10.14 14.53 25.81
CA ALA B 213 -10.53 15.72 25.10
C ALA B 213 -10.44 15.46 23.60
N VAL B 214 -9.30 14.90 23.18
CA VAL B 214 -9.08 14.54 21.78
C VAL B 214 -10.20 13.64 21.27
N GLY B 215 -10.53 12.60 22.04
CA GLY B 215 -11.59 11.65 21.70
C GLY B 215 -12.96 12.30 21.55
N LYS B 216 -13.31 13.17 22.49
CA LYS B 216 -14.56 13.93 22.42
C LYS B 216 -14.49 14.89 21.24
N GLY B 217 -13.32 15.50 21.09
CA GLY B 217 -13.06 16.41 19.99
C GLY B 217 -13.47 15.82 18.66
N TYR B 218 -13.15 14.55 18.44
CA TYR B 218 -13.44 13.92 17.16
C TYR B 218 -14.91 14.05 16.76
N ASP B 220 -17.30 16.11 18.04
CA ASP B 220 -17.56 17.56 17.89
C ASP B 220 -17.06 18.13 16.56
N ALA B 221 -15.88 17.68 16.11
CA ALA B 221 -15.26 18.19 14.87
C ALA B 221 -15.92 17.63 13.63
N TYR B 222 -16.19 16.33 13.64
CA TYR B 222 -16.57 15.60 12.43
C TYR B 222 -18.10 15.46 12.24
N ILE B 223 -18.84 15.11 13.30
CA ILE B 223 -20.27 14.80 13.15
C ILE B 223 -21.10 15.95 12.54
N PRO B 224 -20.83 17.21 12.94
CA PRO B 224 -21.55 18.33 12.33
C PRO B 224 -21.34 18.45 10.82
N ILE B 225 -20.09 18.25 10.39
CA ILE B 225 -19.72 18.26 8.99
C ILE B 225 -20.49 17.19 8.20
N VAL B 226 -20.55 15.98 8.72
CA VAL B 226 -21.35 14.91 8.11
C VAL B 226 -22.81 15.34 8.00
N ASN B 227 -23.37 15.81 9.10
CA ASN B 227 -24.76 16.21 9.14
C ASN B 227 -25.05 17.29 8.10
N ARG B 228 -24.09 18.20 7.94
CA ARG B 228 -24.19 19.34 7.02
C ARG B 228 -24.05 18.94 5.54
N ARG B 229 -23.21 17.95 5.25
CA ARG B 229 -22.88 17.60 3.87
C ARG B 229 -23.57 16.35 3.34
N LYS B 230 -24.02 15.45 4.22
CA LYS B 230 -24.49 14.14 3.78
C LYS B 230 -25.49 14.18 2.62
N ASN B 231 -26.40 15.17 2.64
CA ASN B 231 -27.44 15.26 1.61
C ASN B 231 -27.09 16.17 0.44
N THR B 232 -25.82 16.57 0.33
CA THR B 232 -25.34 17.26 -0.87
C THR B 232 -25.52 16.33 -2.07
N PRO B 233 -26.17 16.82 -3.15
CA PRO B 233 -26.27 16.02 -4.38
C PRO B 233 -24.90 15.74 -5.00
N TYR B 234 -24.77 14.61 -5.69
CA TYR B 234 -23.51 14.22 -6.30
C TYR B 234 -23.71 13.34 -7.53
N THR B 235 -22.72 13.35 -8.42
CA THR B 235 -22.77 12.69 -9.73
C THR B 235 -21.87 11.47 -9.75
N GLU B 236 -21.97 10.64 -10.79
CA GLU B 236 -21.05 9.52 -10.90
C GLU B 236 -19.64 10.01 -11.18
N GLN B 237 -19.55 11.15 -11.86
CA GLN B 237 -18.27 11.77 -12.12
C GLN B 237 -17.58 12.12 -10.79
N GLN B 238 -18.38 12.61 -9.84
CA GLN B 238 -17.81 12.98 -8.53
C GLN B 238 -17.34 11.75 -7.74
N VAL B 239 -18.11 10.67 -7.77
CA VAL B 239 -17.72 9.41 -7.13
C VAL B 239 -16.43 8.85 -7.75
N GLU B 240 -16.29 9.06 -9.05
CA GLU B 240 -15.11 8.65 -9.77
C GLU B 240 -13.85 9.36 -9.28
N PHE B 241 -13.92 10.69 -9.14
CA PHE B 241 -12.84 11.47 -8.51
C PHE B 241 -12.54 10.98 -7.09
N GLN B 242 -13.58 10.76 -6.31
CA GLN B 242 -13.44 10.21 -4.97
C GLN B 242 -12.60 8.93 -4.96
N GLU B 243 -12.88 8.01 -5.88
CA GLU B 243 -12.20 6.71 -5.93
C GLU B 243 -10.73 6.84 -6.35
N PHE B 244 -10.43 7.77 -7.26
CA PHE B 244 -9.03 8.10 -7.59
C PHE B 244 -8.32 8.69 -6.37
N ARG B 245 -9.02 9.55 -5.64
CA ARG B 245 -8.46 10.12 -4.42
C ARG B 245 -8.23 9.05 -3.35
N ARG B 246 -9.05 8.02 -3.35
CA ARG B 246 -8.93 6.94 -2.37
C ARG B 246 -7.78 5.98 -2.72
N GLY B 247 -7.27 6.09 -3.93
CA GLY B 247 -5.98 5.50 -4.27
C GLY B 247 -4.85 6.13 -3.45
N ARG B 248 -4.84 7.47 -3.35
CA ARG B 248 -3.88 8.17 -2.48
C ARG B 248 -4.02 7.74 -1.00
N TYR B 249 -5.25 7.47 -0.56
CA TYR B 249 -5.49 7.12 0.85
C TYR B 249 -4.92 5.74 1.15
N ALA B 250 -5.26 4.78 0.30
CA ALA B 250 -4.65 3.47 0.35
C ALA B 250 -3.13 3.64 0.37
N GLU B 251 -2.59 4.32 -0.64
CA GLU B 251 -1.15 4.54 -0.71
C GLU B 251 -0.53 4.90 0.62
N PHE B 252 -1.02 5.97 1.26
CA PHE B 252 -0.46 6.41 2.51
C PHE B 252 -0.47 5.32 3.57
N ASN B 253 -1.62 4.67 3.74
CA ASN B 253 -1.76 3.67 4.80
C ASN B 253 -0.86 2.47 4.59
N LEU B 254 -0.67 2.07 3.33
CA LEU B 254 0.09 0.84 3.00
C LEU B 254 1.59 1.09 2.80
N VAL B 255 1.93 2.30 2.37
CA VAL B 255 3.32 2.66 2.10
C VAL B 255 4.00 3.36 3.27
N ILE B 256 3.26 4.22 3.96
CA ILE B 256 3.84 5.18 4.93
C ILE B 256 3.41 4.96 6.40
N ASP B 257 2.11 4.91 6.65
CA ASP B 257 1.63 4.78 8.03
C ASP B 257 2.41 3.75 8.86
N ARG B 258 2.96 4.17 10.00
CA ARG B 258 3.74 3.30 10.91
C ARG B 258 2.88 2.27 11.63
N GLY B 259 1.71 2.73 12.08
CA GLY B 259 0.76 1.88 12.75
C GLY B 259 0.36 0.68 11.92
N THR B 260 0.10 0.91 10.63
CA THR B 260 -0.17 -0.19 9.70
C THR B 260 1.06 -1.06 9.48
N LYS B 261 2.20 -0.44 9.17
CA LYS B 261 3.49 -1.15 9.07
C LYS B 261 3.69 -2.05 10.28
N PHE B 262 3.72 -1.46 11.46
CA PHE B 262 4.06 -2.21 12.68
C PHE B 262 3.04 -3.32 13.00
N GLY B 263 1.75 -3.00 12.94
CA GLY B 263 0.69 -4.00 13.06
C GLY B 263 0.85 -5.21 12.15
N LEU B 264 0.92 -4.97 10.85
CA LEU B 264 1.04 -6.07 9.86
C LEU B 264 2.31 -6.90 9.97
N GLN B 265 3.43 -6.30 10.40
CA GLN B 265 4.72 -7.02 10.41
C GLN B 265 5.02 -7.65 11.77
N SER B 266 4.25 -7.31 12.80
CA SER B 266 4.46 -7.83 14.15
C SER B 266 3.33 -8.77 14.63
N GLY B 267 2.56 -9.32 13.70
CA GLY B 267 1.55 -10.33 14.02
C GLY B 267 0.18 -9.82 14.45
N GLY B 268 -0.12 -8.55 14.20
CA GLY B 268 -1.46 -8.04 14.44
C GLY B 268 -2.49 -8.67 13.51
N ARG B 269 -3.76 -8.37 13.78
CA ARG B 269 -4.88 -8.98 13.06
C ARG B 269 -5.23 -8.21 11.78
N THR B 270 -4.85 -8.78 10.64
CA THR B 270 -4.88 -8.08 9.36
C THR B 270 -6.17 -7.29 9.11
N GLU B 271 -7.33 -7.96 9.06
CA GLU B 271 -8.58 -7.30 8.65
C GLU B 271 -8.95 -6.13 9.54
N SER B 272 -8.62 -6.24 10.82
CA SER B 272 -8.79 -5.14 11.78
C SER B 272 -7.87 -3.96 11.45
N ILE B 273 -6.60 -4.23 11.20
CA ILE B 273 -5.66 -3.14 10.92
C ILE B 273 -6.06 -2.37 9.67
N LEU B 274 -6.61 -3.09 8.70
CA LEU B 274 -6.89 -2.57 7.35
C LEU B 274 -8.37 -2.18 7.11
N ILE B 275 -9.13 -1.91 8.17
CA ILE B 275 -10.43 -1.24 8.05
C ILE B 275 -10.24 0.14 7.42
N SER B 276 -9.01 0.64 7.50
CA SER B 276 -8.66 1.97 7.01
C SER B 276 -8.80 2.10 5.51
N LEU B 277 -8.83 0.98 4.81
CA LEU B 277 -8.76 0.99 3.37
C LEU B 277 -10.14 1.26 2.77
N PRO B 278 -10.18 1.97 1.65
CA PRO B 278 -11.46 2.39 1.09
C PRO B 278 -12.19 1.22 0.45
N PRO B 279 -13.51 1.35 0.33
CA PRO B 279 -14.28 0.30 -0.33
C PRO B 279 -13.89 0.14 -1.81
N ARG B 280 -13.73 1.26 -2.51
CA ARG B 280 -13.26 1.25 -3.90
C ARG B 280 -12.15 2.32 -4.10
N ALA B 281 -11.13 1.98 -4.87
CA ALA B 281 -10.07 2.93 -5.20
C ALA B 281 -9.78 2.88 -6.70
N ARG B 282 -9.14 3.91 -7.22
CA ARG B 282 -8.66 3.87 -8.57
C ARG B 282 -7.26 4.45 -8.70
N TRP B 283 -6.51 3.90 -9.63
CA TRP B 283 -5.25 4.48 -10.03
C TRP B 283 -5.24 4.59 -11.56
N GLY B 284 -4.62 5.63 -12.07
CA GLY B 284 -4.37 5.75 -13.49
C GLY B 284 -3.02 6.39 -13.67
N TYR B 285 -2.29 5.98 -14.70
CA TYR B 285 -0.96 6.51 -14.93
C TYR B 285 -1.01 7.98 -15.27
N ASN B 286 -0.29 8.78 -14.50
CA ASN B 286 -0.33 10.23 -14.59
C ASN B 286 -1.73 10.84 -14.46
N TRP B 287 -2.58 10.21 -13.66
CA TRP B 287 -3.89 10.74 -13.39
C TRP B 287 -3.75 12.01 -12.55
N GLN B 288 -4.35 13.09 -13.04
CA GLN B 288 -4.48 14.32 -12.28
C GLN B 288 -5.85 14.92 -12.59
N PRO B 289 -6.47 15.58 -11.60
CA PRO B 289 -7.73 16.26 -11.88
C PRO B 289 -7.54 17.33 -12.95
N GLU B 290 -8.62 17.63 -13.67
CA GLU B 290 -8.60 18.68 -14.68
C GLU B 290 -8.29 20.01 -13.99
N PRO B 291 -7.35 20.79 -14.54
CA PRO B 291 -7.08 22.08 -13.92
C PRO B 291 -8.28 23.00 -14.04
N GLY B 292 -8.49 23.83 -13.01
CA GLY B 292 -9.55 24.84 -13.05
C GLY B 292 -10.88 24.34 -12.53
N THR B 293 -10.94 23.06 -12.19
CA THR B 293 -12.16 22.45 -11.71
C THR B 293 -12.17 22.42 -10.19
N PRO B 294 -13.36 22.24 -9.61
CA PRO B 294 -13.42 22.03 -8.16
C PRO B 294 -12.60 20.82 -7.71
N GLU B 295 -12.34 19.89 -8.63
CA GLU B 295 -11.59 18.70 -8.31
C GLU B 295 -10.14 19.11 -8.07
N ALA B 296 -9.63 19.93 -8.98
CA ALA B 296 -8.25 20.40 -8.90
C ALA B 296 -8.02 21.26 -7.66
N ARG B 297 -9.05 22.01 -7.26
CA ARG B 297 -8.92 22.91 -6.11
C ARG B 297 -8.48 22.20 -4.82
N LEU B 298 -8.80 20.92 -4.66
CA LEU B 298 -8.39 20.19 -3.45
C LEU B 298 -6.87 20.27 -3.26
N THR B 299 -6.12 19.97 -4.31
CA THR B 299 -4.65 19.88 -4.23
C THR B 299 -3.95 21.25 -4.42
N GLU B 300 -4.52 22.08 -5.28
CA GLU B 300 -4.02 23.42 -5.53
C GLU B 300 -4.15 24.36 -4.32
N TYR B 301 -5.21 24.21 -3.53
CA TYR B 301 -5.48 25.14 -2.44
C TYR B 301 -5.63 24.48 -1.06
N PHE B 302 -6.71 23.74 -0.86
CA PHE B 302 -7.03 23.18 0.44
C PHE B 302 -5.86 22.44 1.11
N LEU B 303 -5.23 21.54 0.36
CA LEU B 303 -4.19 20.65 0.91
C LEU B 303 -2.87 21.37 1.21
N THR B 304 -2.58 22.45 0.48
CA THR B 304 -1.40 23.27 0.76
C THR B 304 -1.67 24.45 1.69
N LYS B 305 -2.92 24.68 2.09
CA LYS B 305 -3.24 25.87 2.91
C LYS B 305 -2.61 25.77 4.30
N ARG B 306 -2.95 24.69 4.99
CA ARG B 306 -2.39 24.37 6.30
C ARG B 306 -2.78 25.32 7.43
N GLN B 307 -2.94 26.63 7.17
CA GLN B 307 -3.36 27.59 8.21
C GLN B 307 -4.87 27.82 8.19
N TRP B 308 -5.56 27.25 9.18
CA TRP B 308 -7.01 27.32 9.26
C TRP B 308 -7.56 28.20 10.38
N VAL B 309 -6.88 28.22 11.53
CA VAL B 309 -7.32 29.04 12.65
C VAL B 309 -6.35 30.19 12.88
#